data_4LVV
#
_entry.id   4LVV
#
_cell.length_a   27.810
_cell.length_b   67.410
_cell.length_c   156.680
_cell.angle_alpha   90.00
_cell.angle_beta   90.00
_cell.angle_gamma   90.00
#
_symmetry.space_group_name_H-M   'P 21 21 21'
#
loop_
_entity.id
_entity.type
_entity.pdbx_description
1 polymer 'THF riboswitch'
2 non-polymer 'N-[4-({[(6S)-2-amino-5-formyl-4-oxo-3,4,5,6,7,8-hexahydropteridin-6-yl]methyl}amino)benzoyl]-L-glutamic acid'
3 water water
#
_entity_poly.entity_id   1
_entity_poly.type   'polyribonucleotide'
_entity_poly.pdbx_seq_one_letter_code
;GGAGAGUAGAUGAUUCGCGUUAAGUGUGUGUGAAUGGGAUGUCGUCACACAACGAAGCGAGAGCGCGGUGAAUCAUUGCA
UCCGCUCCA
;
_entity_poly.pdbx_strand_id   A
#